data_1K5N
#
_entry.id   1K5N
#
_cell.length_a   50.845
_cell.length_b   82.484
_cell.length_c   110.708
_cell.angle_alpha   90.00
_cell.angle_beta   90.00
_cell.angle_gamma   90.00
#
_symmetry.space_group_name_H-M   'P 21 21 21'
#
loop_
_entity.id
_entity.type
_entity.pdbx_description
1 polymer 'major histocompatibility complex molecule HLA-B*2709'
2 polymer 'beta-2-microglobulin, light chain'
3 polymer 'nonameric model peptide m9'
4 non-polymer GLYCEROL
5 water water
#
loop_
_entity_poly.entity_id
_entity_poly.type
_entity_poly.pdbx_seq_one_letter_code
_entity_poly.pdbx_strand_id
1 'polypeptide(L)'
;GSHSMRYFHTSVSRPGRGEPRFITVGYVDDTLFVRFDSDAASPREEPRAPWIEQEGPEYWDRETQICKAKAQTDREDLRT
LLRYYNQSEAGSHTLQNMYGCDVGPDGRLLRGYHQHAYDGKDYIALNEDLSSWTAADTAAQITQRKWEAARVAEQLRAYL
EGECVEWLRRYLENGKETLQRADPPKTHVTHHPISDHEATLRCWALGFYPAEITLTWQRDGEDQTQDTELVETRPAGDRT
FQKWAAVVVPSGEEQRYTCHVQHEGLPKPLTLRWEP
;
A
2 'polypeptide(L)'
;MIQRTPKIQVYSRHPAENGKSNFLNCYVSGFHPSDIEVDLLKNGERIEKVEHSDLSFSKDWSFYLLYYTEFTPTEKDEYA
CRVNHVTLSQPKIVKWDRDM
;
B
3 'polypeptide(L)' GRFAAAIAK C
#
loop_
_chem_comp.id
_chem_comp.type
_chem_comp.name
_chem_comp.formula
GOL non-polymer GLYCEROL 'C3 H8 O3'
#
# COMPACT_ATOMS: atom_id res chain seq x y z
N GLY A 1 -14.26 -14.03 8.47
CA GLY A 1 -12.99 -13.41 8.98
C GLY A 1 -13.36 -11.92 9.21
N SER A 2 -12.47 -11.11 9.68
CA SER A 2 -12.53 -9.64 9.72
C SER A 2 -12.02 -8.92 8.48
N HIS A 3 -12.59 -7.80 8.17
CA HIS A 3 -12.39 -7.18 6.88
C HIS A 3 -12.46 -5.68 6.98
N SER A 4 -12.01 -5.00 5.93
CA SER A 4 -12.01 -3.56 5.86
C SER A 4 -12.32 -3.06 4.47
N MET A 5 -12.90 -1.90 4.37
CA MET A 5 -13.04 -1.18 3.12
C MET A 5 -12.44 0.20 3.34
N ARG A 6 -11.53 0.60 2.49
CA ARG A 6 -10.82 1.87 2.62
C ARG A 6 -10.71 2.57 1.27
N TYR A 7 -10.93 3.84 1.28
CA TYR A 7 -10.72 4.72 0.13
C TYR A 7 -9.55 5.68 0.48
N PHE A 8 -8.63 5.80 -0.50
CA PHE A 8 -7.46 6.61 -0.44
C PHE A 8 -7.54 7.66 -1.52
N HIS A 9 -7.09 8.87 -1.22
CA HIS A 9 -7.15 10.01 -2.12
C HIS A 9 -5.90 10.84 -1.97
N THR A 10 -5.34 11.26 -3.12
CA THR A 10 -4.18 12.14 -3.13
C THR A 10 -4.36 13.19 -4.22
N SER A 11 -4.23 14.45 -3.86
CA SER A 11 -4.10 15.56 -4.79
C SER A 11 -2.76 16.16 -4.64
N VAL A 12 -2.12 16.47 -5.79
CA VAL A 12 -0.76 17.00 -5.81
C VAL A 12 -0.77 18.22 -6.75
N SER A 13 -0.56 19.40 -6.19
CA SER A 13 -0.51 20.62 -7.01
C SER A 13 0.79 20.70 -7.82
N ARG A 14 0.63 21.42 -8.94
CA ARG A 14 1.74 21.57 -9.94
C ARG A 14 1.60 22.94 -10.56
N PRO A 15 1.91 23.98 -9.78
CA PRO A 15 1.67 25.34 -10.24
C PRO A 15 2.39 25.62 -11.58
N GLY A 16 1.64 26.21 -12.49
CA GLY A 16 2.13 26.51 -13.86
C GLY A 16 2.04 25.34 -14.80
N ARG A 17 1.53 24.20 -14.33
CA ARG A 17 1.41 22.97 -15.10
C ARG A 17 0.01 22.42 -15.00
N GLY A 18 -0.97 23.34 -15.00
CA GLY A 18 -2.37 23.01 -14.91
C GLY A 18 -2.81 22.79 -13.43
N GLU A 19 -3.94 22.13 -13.30
CA GLU A 19 -4.56 21.94 -12.01
C GLU A 19 -4.05 20.70 -11.31
N PRO A 20 -4.22 20.61 -9.98
CA PRO A 20 -3.70 19.47 -9.25
C PRO A 20 -4.20 18.15 -9.76
N ARG A 21 -3.32 17.17 -9.85
CA ARG A 21 -3.73 15.80 -10.27
C ARG A 21 -4.40 15.13 -9.05
N PHE A 22 -5.49 14.50 -9.28
CA PHE A 22 -6.26 13.78 -8.27
C PHE A 22 -6.31 12.28 -8.63
N ILE A 23 -5.88 11.46 -7.68
CA ILE A 23 -5.91 9.99 -7.80
C ILE A 23 -6.59 9.42 -6.53
N THR A 24 -7.59 8.60 -6.78
CA THR A 24 -8.21 7.88 -5.67
C THR A 24 -8.36 6.40 -6.05
N VAL A 25 -8.10 5.57 -5.04
CA VAL A 25 -8.24 4.12 -5.17
C VAL A 25 -9.06 3.59 -3.95
N GLY A 26 -9.82 2.53 -4.21
CA GLY A 26 -10.54 1.81 -3.13
C GLY A 26 -10.05 0.41 -3.01
N TYR A 27 -9.98 -0.05 -1.79
CA TYR A 27 -9.58 -1.41 -1.43
C TYR A 27 -10.62 -2.06 -0.54
N VAL A 28 -10.79 -3.37 -0.71
CA VAL A 28 -11.35 -4.26 0.32
C VAL A 28 -10.16 -5.09 0.79
N ASP A 29 -9.84 -5.01 2.07
CA ASP A 29 -8.66 -5.70 2.56
C ASP A 29 -7.46 -5.26 1.74
N ASP A 30 -6.70 -6.19 1.18
CA ASP A 30 -5.55 -5.85 0.36
C ASP A 30 -5.83 -6.02 -1.15
N THR A 31 -7.09 -5.92 -1.53
CA THR A 31 -7.52 -5.98 -2.91
C THR A 31 -8.05 -4.67 -3.42
N LEU A 32 -7.34 -4.14 -4.43
CA LEU A 32 -7.78 -2.94 -5.12
C LEU A 32 -9.03 -3.28 -5.92
N PHE A 33 -10.08 -2.41 -5.87
CA PHE A 33 -11.26 -2.68 -6.64
C PHE A 33 -11.73 -1.57 -7.49
N VAL A 34 -11.37 -0.30 -7.22
CA VAL A 34 -11.74 0.83 -8.05
C VAL A 34 -10.62 1.80 -8.07
N ARG A 35 -10.53 2.59 -9.17
CA ARG A 35 -9.57 3.69 -9.31
C ARG A 35 -10.18 4.80 -10.10
N PHE A 36 -9.70 6.04 -9.88
CA PHE A 36 -10.05 7.24 -10.60
C PHE A 36 -8.80 8.11 -10.68
N ASP A 37 -8.51 8.64 -11.87
CA ASP A 37 -7.37 9.54 -12.09
C ASP A 37 -7.80 10.69 -12.93
N SER A 38 -7.69 11.92 -12.44
CA SER A 38 -8.11 13.09 -13.22
C SER A 38 -7.27 13.33 -14.47
N ASP A 39 -6.10 12.74 -14.58
CA ASP A 39 -5.29 12.81 -15.78
C ASP A 39 -5.66 11.77 -16.82
N ALA A 40 -6.55 10.86 -16.55
CA ALA A 40 -7.04 9.98 -17.58
C ALA A 40 -7.74 10.82 -18.67
N ALA A 41 -7.75 10.23 -19.88
CA ALA A 41 -8.38 10.92 -21.00
C ALA A 41 -9.85 11.23 -20.74
N SER A 42 -10.58 10.31 -20.14
CA SER A 42 -11.97 10.41 -19.79
C SER A 42 -12.13 9.97 -18.41
N PRO A 43 -11.83 10.81 -17.40
CA PRO A 43 -11.85 10.37 -16.02
C PRO A 43 -13.17 9.76 -15.59
N ARG A 44 -13.10 8.57 -15.09
CA ARG A 44 -14.23 7.80 -14.58
C ARG A 44 -13.74 6.87 -13.50
N GLU A 45 -14.63 6.53 -12.55
CA GLU A 45 -14.33 5.45 -11.59
CA GLU A 45 -14.19 5.46 -11.79
C GLU A 45 -14.28 4.17 -12.49
N GLU A 46 -13.23 3.40 -12.40
CA GLU A 46 -13.03 2.22 -13.21
C GLU A 46 -12.88 0.99 -12.28
N PRO A 47 -13.41 -0.16 -12.72
CA PRO A 47 -13.25 -1.40 -11.97
C PRO A 47 -11.87 -1.94 -12.04
N ARG A 48 -11.44 -2.55 -10.95
CA ARG A 48 -10.15 -3.20 -10.87
C ARG A 48 -10.20 -4.62 -10.26
N ALA A 49 -11.41 -5.08 -9.94
CA ALA A 49 -11.59 -6.46 -9.43
C ALA A 49 -12.79 -7.04 -10.16
N PRO A 50 -12.80 -8.37 -10.38
CA PRO A 50 -13.92 -8.93 -11.14
C PRO A 50 -15.25 -8.80 -10.50
N TRP A 51 -15.34 -8.83 -9.18
CA TRP A 51 -16.57 -8.86 -8.45
C TRP A 51 -17.29 -7.51 -8.40
N ILE A 52 -16.58 -6.40 -8.75
CA ILE A 52 -17.23 -5.12 -8.84
C ILE A 52 -17.78 -4.85 -10.22
N GLU A 53 -17.39 -5.67 -11.21
CA GLU A 53 -17.84 -5.41 -12.57
C GLU A 53 -19.28 -5.52 -12.74
N GLN A 54 -19.96 -6.32 -11.96
CA GLN A 54 -21.39 -6.49 -12.03
C GLN A 54 -22.19 -5.28 -11.60
N GLU A 55 -21.59 -4.32 -10.92
CA GLU A 55 -22.34 -3.13 -10.57
C GLU A 55 -22.81 -2.47 -11.90
N GLY A 56 -23.99 -1.94 -11.90
CA GLY A 56 -24.61 -1.41 -13.06
C GLY A 56 -24.25 0.08 -13.29
N PRO A 57 -24.77 0.61 -14.39
CA PRO A 57 -24.38 1.96 -14.82
C PRO A 57 -24.66 3.02 -13.79
N GLU A 58 -25.71 2.91 -13.00
CA GLU A 58 -26.02 3.87 -11.98
C GLU A 58 -24.92 3.95 -10.96
N TYR A 59 -24.29 2.84 -10.59
CA TYR A 59 -23.20 2.79 -9.63
C TYR A 59 -22.04 3.61 -10.21
N TRP A 60 -21.64 3.29 -11.43
CA TRP A 60 -20.48 3.91 -12.02
C TRP A 60 -20.69 5.40 -12.21
N ASP A 61 -21.88 5.80 -12.60
CA ASP A 61 -22.16 7.22 -12.76
C ASP A 61 -22.09 7.96 -11.42
N ARG A 62 -22.70 7.40 -10.39
CA ARG A 62 -22.69 8.01 -9.09
C ARG A 62 -21.31 8.12 -8.51
N GLU A 63 -20.55 7.01 -8.56
CA GLU A 63 -19.21 6.99 -8.03
C GLU A 63 -18.31 7.97 -8.78
N THR A 64 -18.47 8.05 -10.11
CA THR A 64 -17.69 8.98 -10.90
C THR A 64 -18.01 10.42 -10.51
N GLN A 65 -19.27 10.74 -10.29
CA GLN A 65 -19.66 12.07 -9.85
C GLN A 65 -19.02 12.43 -8.49
N ILE A 66 -19.01 11.48 -7.59
CA ILE A 66 -18.39 11.72 -6.30
C ILE A 66 -16.91 12.01 -6.43
N CYS A 67 -16.23 11.21 -7.24
CA CYS A 67 -14.81 11.40 -7.47
C CYS A 67 -14.50 12.77 -8.11
N LYS A 68 -15.29 13.12 -9.13
CA LYS A 68 -15.03 14.40 -9.80
C LYS A 68 -15.25 15.54 -8.83
N ALA A 69 -16.29 15.44 -8.00
CA ALA A 69 -16.55 16.47 -7.01
C ALA A 69 -15.46 16.56 -5.97
N LYS A 70 -14.88 15.46 -5.54
CA LYS A 70 -13.76 15.44 -4.58
C LYS A 70 -12.54 16.04 -5.20
N ALA A 71 -12.28 15.81 -6.50
CA ALA A 71 -11.14 16.45 -7.11
C ALA A 71 -11.29 17.97 -7.00
N GLN A 72 -12.49 18.48 -7.23
CA GLN A 72 -12.70 19.93 -7.15
C GLN A 72 -12.61 20.45 -5.72
N THR A 73 -13.17 19.75 -4.76
CA THR A 73 -13.07 20.18 -3.36
C THR A 73 -11.61 20.20 -2.96
N ASP A 74 -10.83 19.17 -3.34
CA ASP A 74 -9.40 19.14 -3.02
C ASP A 74 -8.67 20.31 -3.57
N ARG A 75 -9.03 20.77 -4.76
CA ARG A 75 -8.35 21.92 -5.35
C ARG A 75 -8.67 23.18 -4.52
N GLU A 76 -9.89 23.35 -4.11
CA GLU A 76 -10.24 24.46 -3.23
C GLU A 76 -9.48 24.35 -1.93
N ASP A 77 -9.41 23.16 -1.36
CA ASP A 77 -8.68 22.89 -0.10
C ASP A 77 -7.20 23.22 -0.20
N LEU A 78 -6.57 22.85 -1.31
CA LEU A 78 -5.17 23.17 -1.50
C LEU A 78 -5.00 24.71 -1.52
N ARG A 79 -5.88 25.45 -2.14
CA ARG A 79 -5.83 26.93 -2.06
C ARG A 79 -6.02 27.41 -0.64
N THR A 80 -6.95 26.83 0.08
CA THR A 80 -7.17 27.24 1.49
C THR A 80 -5.98 27.00 2.36
N LEU A 81 -5.36 25.85 2.19
CA LEU A 81 -4.23 25.46 3.04
C LEU A 81 -3.02 26.36 2.79
N LEU A 82 -2.82 26.86 1.57
CA LEU A 82 -1.79 27.86 1.34
C LEU A 82 -2.03 29.05 2.21
N ARG A 83 -3.26 29.52 2.34
CA ARG A 83 -3.57 30.59 3.25
C ARG A 83 -3.26 30.24 4.68
N TYR A 84 -3.76 29.07 5.14
CA TYR A 84 -3.60 28.68 6.54
C TYR A 84 -2.18 28.60 7.00
N TYR A 85 -1.27 28.20 6.10
CA TYR A 85 0.12 28.05 6.39
C TYR A 85 0.99 29.21 5.89
N ASN A 86 0.38 30.24 5.39
CA ASN A 86 1.11 31.42 4.89
C ASN A 86 2.13 31.03 3.83
N GLN A 87 1.77 30.19 2.88
CA GLN A 87 2.65 29.68 1.87
C GLN A 87 2.45 30.40 0.53
N SER A 88 3.51 30.43 -0.26
CA SER A 88 3.45 30.96 -1.61
C SER A 88 2.69 30.06 -2.63
N GLU A 89 2.36 30.62 -3.79
CA GLU A 89 1.68 29.86 -4.86
C GLU A 89 2.70 29.09 -5.68
N ALA A 90 3.97 29.14 -5.38
CA ALA A 90 4.91 28.61 -6.26
C ALA A 90 5.25 27.10 -6.14
N GLY A 91 5.00 26.48 -5.01
CA GLY A 91 5.44 25.13 -4.76
C GLY A 91 4.32 24.09 -5.00
N SER A 92 4.78 22.85 -5.11
CA SER A 92 3.89 21.70 -5.14
C SER A 92 3.56 21.28 -3.70
N HIS A 93 2.29 21.03 -3.45
CA HIS A 93 1.83 20.56 -2.14
C HIS A 93 0.93 19.35 -2.34
N THR A 94 0.71 18.62 -1.26
CA THR A 94 0.01 17.33 -1.27
C THR A 94 -1.10 17.33 -0.26
N LEU A 95 -2.25 16.82 -0.68
CA LEU A 95 -3.42 16.63 0.21
C LEU A 95 -3.87 15.16 0.10
N GLN A 96 -3.92 14.49 1.25
CA GLN A 96 -4.29 13.09 1.35
C GLN A 96 -5.50 12.93 2.26
N ASN A 97 -6.35 11.96 1.90
CA ASN A 97 -7.50 11.55 2.70
C ASN A 97 -7.64 10.05 2.66
N MET A 98 -7.79 9.43 3.80
CA MET A 98 -8.20 8.03 3.91
C MET A 98 -9.44 7.95 4.77
N TYR A 99 -10.44 7.19 4.31
CA TYR A 99 -11.56 6.87 5.17
C TYR A 99 -12.01 5.48 4.92
N GLY A 100 -12.78 4.93 5.85
CA GLY A 100 -13.39 3.62 5.69
C GLY A 100 -13.70 2.95 6.99
N CYS A 101 -13.98 1.65 6.91
CA CYS A 101 -14.55 0.89 8.01
C CYS A 101 -13.89 -0.46 8.15
N ASP A 102 -13.75 -0.92 9.34
CA ASP A 102 -13.31 -2.24 9.69
C ASP A 102 -14.53 -2.96 10.37
N VAL A 103 -14.73 -4.20 9.98
CA VAL A 103 -15.81 -5.04 10.53
C VAL A 103 -15.25 -6.38 10.93
N GLY A 104 -15.98 -7.07 11.81
CA GLY A 104 -15.67 -8.47 12.18
C GLY A 104 -16.61 -9.38 11.34
N PRO A 105 -16.70 -10.66 11.71
N PRO A 105 -16.58 -10.66 11.74
CA PRO A 105 -17.60 -11.68 11.07
CA PRO A 105 -17.40 -11.72 11.11
C PRO A 105 -19.00 -11.31 10.80
C PRO A 105 -18.84 -11.44 11.19
N ASP A 106 -19.70 -10.66 11.73
N ASP A 106 -19.37 -11.20 12.38
CA ASP A 106 -21.10 -10.30 11.58
CA ASP A 106 -20.77 -10.95 12.32
C ASP A 106 -21.38 -9.05 10.85
C ASP A 106 -20.82 -9.95 11.19
N GLY A 107 -20.33 -8.38 10.41
N GLY A 107 -19.66 -9.41 10.73
CA GLY A 107 -20.46 -7.18 9.61
CA GLY A 107 -19.65 -8.34 9.78
C GLY A 107 -20.73 -5.95 10.26
C GLY A 107 -19.92 -7.05 10.53
N ARG A 108 -20.89 -5.89 11.61
N ARG A 108 -19.86 -7.10 11.87
CA ARG A 108 -21.10 -4.62 12.30
CA ARG A 108 -20.14 -5.93 12.70
C ARG A 108 -19.79 -3.84 12.40
C ARG A 108 -18.98 -4.96 12.72
N LEU A 109 -19.91 -2.54 12.33
N LEU A 109 -19.29 -3.65 12.76
CA LEU A 109 -18.76 -1.66 12.45
CA LEU A 109 -18.28 -2.61 12.84
C LEU A 109 -17.98 -1.95 13.72
C LEU A 109 -17.31 -2.79 13.95
N LEU A 110 -16.68 -2.16 13.58
N LEU A 110 -16.01 -2.72 13.65
CA LEU A 110 -15.72 -2.28 14.66
CA LEU A 110 -14.98 -2.63 14.68
C LEU A 110 -14.90 -1.04 14.87
C LEU A 110 -14.54 -1.19 14.90
N ARG A 111 -14.57 -0.32 13.79
N ARG A 111 -14.44 -0.44 13.81
CA ARG A 111 -13.84 0.93 13.84
CA ARG A 111 -14.12 0.98 13.87
C ARG A 111 -14.09 1.64 12.53
C ARG A 111 -14.11 1.63 12.50
N GLY A 112 -14.31 2.93 12.55
CA GLY A 112 -14.31 3.79 11.38
C GLY A 112 -13.19 4.79 11.43
N TYR A 113 -12.88 5.32 10.23
CA TYR A 113 -11.81 6.30 10.02
C TYR A 113 -12.25 7.33 9.03
N HIS A 114 -11.75 8.55 9.24
CA HIS A 114 -11.81 9.64 8.22
C HIS A 114 -10.72 10.61 8.60
N GLN A 115 -9.65 10.69 7.85
CA GLN A 115 -8.50 11.45 8.28
C GLN A 115 -7.77 12.03 7.05
N HIS A 116 -7.05 13.10 7.31
CA HIS A 116 -6.40 13.88 6.30
C HIS A 116 -4.98 14.25 6.73
N ALA A 117 -4.13 14.41 5.69
CA ALA A 117 -2.76 14.84 5.82
C ALA A 117 -2.48 15.92 4.77
N TYR A 118 -1.66 16.89 5.15
CA TYR A 118 -1.16 17.97 4.26
C TYR A 118 0.30 17.95 4.25
N ASP A 119 0.89 17.86 3.07
CA ASP A 119 2.34 17.80 2.90
C ASP A 119 2.95 16.69 3.73
N GLY A 120 2.28 15.55 3.77
CA GLY A 120 2.74 14.35 4.38
C GLY A 120 2.59 14.26 5.89
N LYS A 121 1.97 15.28 6.48
CA LYS A 121 1.82 15.39 7.92
C LYS A 121 0.36 15.29 8.29
N ASP A 122 0.05 14.58 9.40
CA ASP A 122 -1.30 14.58 9.88
C ASP A 122 -1.81 16.01 9.98
N TYR A 123 -3.04 16.17 9.57
CA TYR A 123 -3.76 17.43 9.58
C TYR A 123 -4.97 17.38 10.50
N ILE A 124 -6.00 16.61 10.15
CA ILE A 124 -7.15 16.42 10.99
C ILE A 124 -7.65 15.03 10.85
N ALA A 125 -8.10 14.42 11.96
CA ALA A 125 -8.59 13.04 12.03
C ALA A 125 -9.86 13.00 12.83
N LEU A 126 -10.85 12.26 12.32
CA LEU A 126 -12.01 11.90 13.11
C LEU A 126 -11.56 10.90 14.16
N ASN A 127 -11.93 11.15 15.43
CA ASN A 127 -11.59 10.26 16.51
C ASN A 127 -12.42 8.98 16.42
N GLU A 128 -11.99 7.98 17.15
CA GLU A 128 -12.67 6.66 17.14
C GLU A 128 -14.13 6.75 17.53
N ASP A 129 -14.47 7.75 18.37
CA ASP A 129 -15.86 8.01 18.73
C ASP A 129 -16.78 8.36 17.53
N LEU A 130 -16.20 8.73 16.40
CA LEU A 130 -16.92 9.18 15.28
C LEU A 130 -17.75 10.42 15.60
N SER A 131 -17.28 11.23 16.56
CA SER A 131 -18.03 12.39 17.01
C SER A 131 -17.16 13.58 17.30
N SER A 132 -15.89 13.45 17.45
CA SER A 132 -14.99 14.53 17.77
C SER A 132 -13.74 14.39 16.90
N TRP A 133 -12.95 15.47 16.87
CA TRP A 133 -11.76 15.55 16.03
C TRP A 133 -10.46 15.74 16.73
N THR A 134 -9.38 15.23 16.16
CA THR A 134 -8.02 15.57 16.54
C THR A 134 -7.41 16.40 15.41
N ALA A 135 -7.13 17.65 15.73
CA ALA A 135 -6.42 18.61 14.84
C ALA A 135 -4.98 18.67 15.19
N ALA A 136 -4.09 18.60 14.23
CA ALA A 136 -2.66 18.53 14.46
C ALA A 136 -2.01 19.82 14.86
N ASP A 137 -2.62 20.94 14.50
CA ASP A 137 -2.00 22.24 14.59
C ASP A 137 -3.08 23.32 14.53
N THR A 138 -2.64 24.59 14.70
CA THR A 138 -3.60 25.66 14.74
C THR A 138 -4.33 25.91 13.40
N ALA A 139 -3.73 25.53 12.30
CA ALA A 139 -4.39 25.59 11.00
C ALA A 139 -5.55 24.58 10.94
N ALA A 140 -5.26 23.34 11.32
CA ALA A 140 -6.27 22.32 11.34
C ALA A 140 -7.39 22.64 12.30
N GLN A 141 -7.10 23.40 13.36
CA GLN A 141 -8.15 23.84 14.29
C GLN A 141 -9.15 24.76 13.58
N ILE A 142 -8.73 25.52 12.56
CA ILE A 142 -9.66 26.33 11.81
C ILE A 142 -10.62 25.45 11.05
N THR A 143 -10.13 24.38 10.41
CA THR A 143 -10.99 23.39 9.78
C THR A 143 -11.88 22.75 10.85
N GLN A 144 -11.34 22.36 12.00
CA GLN A 144 -12.15 21.74 13.05
C GLN A 144 -13.31 22.63 13.41
N ARG A 145 -13.09 23.92 13.60
CA ARG A 145 -14.16 24.82 13.96
C ARG A 145 -15.23 24.82 12.90
N LYS A 146 -14.87 24.84 11.63
CA LYS A 146 -15.84 24.82 10.56
C LYS A 146 -16.62 23.49 10.55
N TRP A 147 -15.93 22.39 10.75
CA TRP A 147 -16.58 21.10 10.71
C TRP A 147 -17.45 20.83 11.95
N GLU A 148 -17.08 21.40 13.08
CA GLU A 148 -17.99 21.37 14.23
C GLU A 148 -19.23 22.18 13.96
N ALA A 149 -19.11 23.36 13.38
CA ALA A 149 -20.26 24.19 13.08
C ALA A 149 -21.21 23.52 12.10
N ALA A 150 -20.69 22.81 11.13
CA ALA A 150 -21.45 22.16 10.12
C ALA A 150 -21.85 20.73 10.49
N ARG A 151 -21.54 20.26 11.67
CA ARG A 151 -21.92 18.90 12.11
C ARG A 151 -21.45 17.85 11.09
N VAL A 152 -20.21 17.99 10.63
CA VAL A 152 -19.62 17.01 9.71
C VAL A 152 -19.42 15.67 10.34
N ALA A 153 -19.00 15.58 11.60
CA ALA A 153 -18.80 14.29 12.22
C ALA A 153 -20.04 13.42 12.16
N GLU A 154 -21.20 14.03 12.41
CA GLU A 154 -22.45 13.29 12.41
C GLU A 154 -22.69 12.65 11.03
N GLN A 155 -22.40 13.39 9.97
CA GLN A 155 -22.54 12.90 8.63
C GLN A 155 -21.61 11.70 8.40
N LEU A 156 -20.39 11.81 8.83
CA LEU A 156 -19.43 10.71 8.69
C LEU A 156 -19.85 9.51 9.49
N ARG A 157 -20.29 9.73 10.72
CA ARG A 157 -20.70 8.60 11.54
C ARG A 157 -21.79 7.82 10.83
N ALA A 158 -22.76 8.54 10.30
CA ALA A 158 -23.92 7.88 9.63
C ALA A 158 -23.41 7.03 8.47
N TYR A 159 -22.50 7.52 7.67
CA TYR A 159 -21.93 6.74 6.58
C TYR A 159 -21.08 5.59 7.10
N LEU A 160 -20.24 5.81 8.03
CA LEU A 160 -19.30 4.78 8.44
C LEU A 160 -20.02 3.60 9.13
N GLU A 161 -21.04 3.88 9.92
CA GLU A 161 -21.79 2.83 10.59
C GLU A 161 -22.80 2.17 9.76
N GLY A 162 -23.24 2.81 8.68
CA GLY A 162 -24.35 2.37 7.84
C GLY A 162 -23.87 1.94 6.47
N GLU A 163 -23.90 2.85 5.55
CA GLU A 163 -23.52 2.53 4.21
C GLU A 163 -22.16 1.88 4.05
N CYS A 164 -21.13 2.32 4.72
CA CYS A 164 -19.77 1.76 4.55
C CYS A 164 -19.84 0.26 4.84
N VAL A 165 -20.45 -0.12 5.94
CA VAL A 165 -20.45 -1.52 6.34
C VAL A 165 -21.38 -2.33 5.42
N GLU A 166 -22.43 -1.74 4.93
CA GLU A 166 -23.36 -2.44 4.03
C GLU A 166 -22.71 -2.64 2.68
N TRP A 167 -21.98 -1.69 2.15
CA TRP A 167 -21.22 -1.94 0.95
C TRP A 167 -20.21 -3.04 1.16
N LEU A 168 -19.48 -3.01 2.23
CA LEU A 168 -18.47 -4.01 2.49
C LEU A 168 -19.11 -5.39 2.53
N ARG A 169 -20.24 -5.52 3.19
CA ARG A 169 -20.93 -6.81 3.26
C ARG A 169 -21.28 -7.29 1.82
N ARG A 170 -21.82 -6.40 1.00
CA ARG A 170 -22.18 -6.75 -0.40
C ARG A 170 -20.96 -7.21 -1.14
N TYR A 171 -19.87 -6.45 -1.05
CA TYR A 171 -18.66 -6.77 -1.77
C TYR A 171 -18.08 -8.11 -1.32
N LEU A 172 -18.11 -8.38 -0.04
CA LEU A 172 -17.59 -9.64 0.49
C LEU A 172 -18.38 -10.82 -0.10
N GLU A 173 -19.67 -10.66 -0.24
CA GLU A 173 -20.52 -11.72 -0.82
C GLU A 173 -20.23 -11.87 -2.27
N ASN A 174 -20.23 -10.78 -3.01
CA ASN A 174 -20.01 -10.84 -4.47
C ASN A 174 -18.62 -11.33 -4.75
N GLY A 175 -17.65 -11.02 -3.91
CA GLY A 175 -16.27 -11.43 -4.07
C GLY A 175 -15.88 -12.59 -3.16
N LYS A 176 -16.84 -13.46 -2.77
CA LYS A 176 -16.53 -14.49 -1.80
C LYS A 176 -15.51 -15.48 -2.25
N GLU A 177 -15.32 -15.68 -3.56
CA GLU A 177 -14.31 -16.60 -4.04
C GLU A 177 -12.88 -16.19 -3.62
N THR A 178 -12.62 -14.90 -3.64
CA THR A 178 -11.31 -14.34 -3.44
C THR A 178 -11.14 -13.59 -2.14
N LEU A 179 -12.07 -12.66 -1.85
CA LEU A 179 -12.00 -11.84 -0.66
C LEU A 179 -12.06 -12.69 0.61
N GLN A 180 -12.74 -13.85 0.55
CA GLN A 180 -12.92 -14.75 1.67
C GLN A 180 -12.05 -15.96 1.54
N ARG A 181 -10.96 -15.90 0.78
CA ARG A 181 -9.96 -16.94 0.70
C ARG A 181 -8.61 -16.39 1.18
N ALA A 182 -8.00 -17.04 2.13
CA ALA A 182 -6.62 -16.75 2.53
C ALA A 182 -5.72 -17.71 1.78
N ASP A 183 -4.67 -17.26 1.18
CA ASP A 183 -3.64 -18.09 0.56
C ASP A 183 -2.47 -18.11 1.52
N PRO A 184 -2.12 -19.28 2.03
CA PRO A 184 -1.05 -19.34 2.98
C PRO A 184 0.31 -19.08 2.31
N PRO A 185 1.29 -18.68 3.08
CA PRO A 185 2.62 -18.53 2.53
C PRO A 185 3.25 -19.86 2.17
N LYS A 186 3.97 -19.86 1.08
CA LYS A 186 4.92 -20.91 0.69
C LYS A 186 6.25 -20.53 1.28
N THR A 187 6.84 -21.38 2.11
CA THR A 187 7.98 -21.02 2.92
C THR A 187 9.18 -21.88 2.65
N HIS A 188 10.35 -21.30 2.72
CA HIS A 188 11.59 -22.05 2.60
C HIS A 188 12.74 -21.20 3.20
N VAL A 189 13.85 -21.86 3.48
CA VAL A 189 15.04 -21.24 3.98
C VAL A 189 16.20 -21.42 3.00
N THR A 190 16.88 -20.32 2.68
CA THR A 190 18.08 -20.38 1.86
C THR A 190 19.32 -19.95 2.62
N HIS A 191 20.47 -20.35 2.12
CA HIS A 191 21.76 -20.16 2.78
C HIS A 191 22.73 -19.51 1.80
N HIS A 192 23.39 -18.44 2.21
CA HIS A 192 24.19 -17.62 1.32
C HIS A 192 25.52 -17.29 2.02
N PRO A 193 26.55 -18.07 1.73
CA PRO A 193 27.89 -17.76 2.27
C PRO A 193 28.33 -16.35 2.08
N ILE A 194 28.87 -15.73 3.11
CA ILE A 194 29.38 -14.39 3.06
C ILE A 194 30.91 -14.39 3.02
N SER A 195 31.53 -15.21 3.84
CA SER A 195 32.96 -15.32 4.01
C SER A 195 33.23 -16.69 4.63
N ASP A 196 34.44 -17.01 4.95
CA ASP A 196 34.70 -18.24 5.63
C ASP A 196 33.99 -18.34 6.96
N HIS A 197 33.64 -17.22 7.56
CA HIS A 197 33.26 -17.18 8.96
C HIS A 197 31.73 -17.14 9.18
N GLU A 198 30.95 -16.87 8.17
CA GLU A 198 29.53 -16.62 8.34
C GLU A 198 28.82 -16.72 7.01
N ALA A 199 27.49 -16.89 7.12
CA ALA A 199 26.59 -16.97 5.99
C ALA A 199 25.26 -16.41 6.34
N THR A 200 24.50 -15.92 5.37
CA THR A 200 23.15 -15.47 5.63
C THR A 200 22.18 -16.64 5.59
N LEU A 201 21.28 -16.76 6.52
CA LEU A 201 20.07 -17.55 6.38
C LEU A 201 18.93 -16.58 6.11
N ARG A 202 18.17 -16.88 5.05
CA ARG A 202 17.04 -16.11 4.62
C ARG A 202 15.82 -16.98 4.63
N CYS A 203 14.80 -16.55 5.38
CA CYS A 203 13.51 -17.24 5.50
C CYS A 203 12.50 -16.50 4.64
N TRP A 204 11.93 -17.22 3.69
CA TRP A 204 11.04 -16.68 2.69
C TRP A 204 9.60 -17.08 2.94
N ALA A 205 8.70 -16.13 2.68
CA ALA A 205 7.27 -16.32 2.62
C ALA A 205 6.81 -15.75 1.30
N LEU A 206 6.21 -16.61 0.44
CA LEU A 206 5.80 -16.22 -0.88
C LEU A 206 4.35 -16.65 -1.15
N GLY A 207 3.68 -15.90 -2.02
CA GLY A 207 2.39 -16.32 -2.52
C GLY A 207 1.24 -16.20 -1.55
N PHE A 208 1.34 -15.33 -0.54
CA PHE A 208 0.31 -15.25 0.51
C PHE A 208 -0.63 -14.10 0.31
N TYR A 209 -1.84 -14.28 0.88
CA TYR A 209 -2.86 -13.25 0.88
C TYR A 209 -3.75 -13.54 2.10
N PRO A 210 -4.11 -12.56 2.92
CA PRO A 210 -3.79 -11.14 2.83
C PRO A 210 -2.34 -10.85 3.22
N ALA A 211 -1.98 -9.58 3.18
CA ALA A 211 -0.60 -9.14 3.37
C ALA A 211 -0.07 -9.33 4.78
N GLU A 212 -0.94 -9.25 5.81
CA GLU A 212 -0.49 -9.36 7.17
C GLU A 212 0.26 -10.70 7.41
N ILE A 213 1.43 -10.67 7.99
CA ILE A 213 2.21 -11.85 8.27
C ILE A 213 3.21 -11.51 9.36
N THR A 214 3.64 -12.51 10.11
CA THR A 214 4.76 -12.38 11.03
C THR A 214 5.79 -13.37 10.67
N LEU A 215 7.03 -12.94 10.55
CA LEU A 215 8.15 -13.72 10.18
C LEU A 215 9.31 -13.32 11.08
N THR A 216 9.83 -14.25 11.86
CA THR A 216 10.91 -13.97 12.76
C THR A 216 11.91 -15.11 12.84
N TRP A 217 13.09 -14.78 13.26
CA TRP A 217 14.14 -15.73 13.55
C TRP A 217 14.40 -15.77 15.08
N GLN A 218 14.61 -16.99 15.54
CA GLN A 218 15.17 -17.27 16.89
C GLN A 218 16.48 -18.00 16.78
N ARG A 219 17.30 -17.85 17.81
CA ARG A 219 18.54 -18.59 17.97
C ARG A 219 18.50 -19.17 19.37
N ASP A 220 18.61 -20.47 19.49
CA ASP A 220 18.50 -21.13 20.81
C ASP A 220 17.18 -20.70 21.48
N GLY A 221 16.14 -20.46 20.69
CA GLY A 221 14.85 -20.04 21.25
C GLY A 221 14.75 -18.59 21.65
N GLU A 222 15.70 -17.74 21.36
CA GLU A 222 15.67 -16.32 21.66
C GLU A 222 15.45 -15.52 20.40
N ASP A 223 14.47 -14.62 20.46
CA ASP A 223 14.23 -13.73 19.33
C ASP A 223 15.46 -12.93 18.93
N GLN A 224 15.70 -12.84 17.61
CA GLN A 224 16.83 -12.13 17.05
C GLN A 224 16.41 -10.79 16.42
N THR A 225 15.53 -10.07 17.05
CA THR A 225 14.96 -8.88 16.37
C THR A 225 16.01 -7.89 15.94
N GLN A 226 16.96 -7.54 16.83
CA GLN A 226 17.92 -6.53 16.47
C GLN A 226 18.84 -6.96 15.36
N ASP A 227 19.02 -8.26 15.22
CA ASP A 227 19.98 -8.80 14.26
C ASP A 227 19.28 -9.29 12.98
N THR A 228 18.00 -9.11 12.82
CA THR A 228 17.27 -9.60 11.66
C THR A 228 17.07 -8.43 10.69
N GLU A 229 17.37 -8.70 9.41
CA GLU A 229 16.95 -7.83 8.35
C GLU A 229 15.59 -8.29 7.87
N LEU A 230 14.56 -7.49 8.07
CA LEU A 230 13.21 -7.79 7.73
C LEU A 230 12.74 -6.85 6.65
N VAL A 231 12.50 -7.30 5.42
CA VAL A 231 12.11 -6.41 4.36
C VAL A 231 10.61 -6.11 4.48
N GLU A 232 10.21 -4.99 3.94
CA GLU A 232 8.82 -4.65 3.90
C GLU A 232 8.06 -5.69 3.04
N THR A 233 6.85 -6.04 3.48
CA THR A 233 5.97 -6.90 2.71
C THR A 233 5.71 -6.23 1.38
N ARG A 234 5.80 -6.99 0.30
CA ARG A 234 5.81 -6.45 -1.05
C ARG A 234 4.87 -7.21 -1.97
N PRO A 235 4.23 -6.52 -2.91
CA PRO A 235 3.28 -7.14 -3.80
C PRO A 235 3.96 -7.94 -4.90
N ALA A 236 3.47 -9.13 -5.19
CA ALA A 236 4.02 -9.94 -6.29
C ALA A 236 3.45 -9.55 -7.63
N GLY A 237 2.26 -8.95 -7.68
CA GLY A 237 1.56 -8.61 -8.91
C GLY A 237 0.48 -9.59 -9.31
N ASP A 238 0.29 -10.70 -8.66
CA ASP A 238 -0.71 -11.79 -8.98
C ASP A 238 -1.76 -11.80 -7.75
N ARG A 239 -1.92 -10.71 -7.01
CA ARG A 239 -2.78 -10.55 -5.79
C ARG A 239 -2.00 -10.82 -4.54
N THR A 240 -0.98 -11.64 -4.62
CA THR A 240 -0.25 -12.12 -3.46
C THR A 240 0.88 -11.22 -3.06
N PHE A 241 1.43 -11.53 -1.89
CA PHE A 241 2.50 -10.80 -1.26
C PHE A 241 3.69 -11.72 -0.97
N GLN A 242 4.82 -11.06 -0.68
CA GLN A 242 6.06 -11.71 -0.36
C GLN A 242 6.73 -10.99 0.80
N LYS A 243 7.55 -11.72 1.56
CA LYS A 243 8.37 -11.14 2.57
C LYS A 243 9.54 -12.10 2.84
N TRP A 244 10.67 -11.56 3.32
CA TRP A 244 11.71 -12.41 3.86
C TRP A 244 12.35 -11.74 5.05
N ALA A 245 13.02 -12.59 5.85
CA ALA A 245 13.75 -12.20 7.04
C ALA A 245 15.09 -12.88 6.98
N ALA A 246 16.19 -12.15 7.25
CA ALA A 246 17.52 -12.71 7.14
C ALA A 246 18.37 -12.41 8.37
N VAL A 247 19.21 -13.37 8.71
CA VAL A 247 20.18 -13.28 9.78
C VAL A 247 21.52 -13.71 9.32
N VAL A 248 22.59 -13.14 9.91
CA VAL A 248 23.97 -13.50 9.66
C VAL A 248 24.35 -14.54 10.70
N VAL A 249 24.69 -15.72 10.23
CA VAL A 249 24.87 -16.92 11.07
C VAL A 249 26.34 -17.31 11.03
N PRO A 250 27.02 -17.34 12.20
CA PRO A 250 28.40 -17.84 12.23
C PRO A 250 28.46 -19.27 11.75
N SER A 251 29.60 -19.63 11.18
CA SER A 251 29.82 -20.97 10.72
C SER A 251 29.45 -21.99 11.82
N GLY A 252 28.72 -23.02 11.40
CA GLY A 252 28.34 -24.12 12.23
C GLY A 252 27.14 -23.90 13.12
N GLU A 253 26.55 -22.73 13.13
CA GLU A 253 25.39 -22.41 14.00
C GLU A 253 24.05 -22.66 13.35
N GLU A 254 24.00 -23.08 12.09
CA GLU A 254 22.76 -23.04 11.38
C GLU A 254 21.59 -23.75 12.03
N GLN A 255 21.82 -24.91 12.66
CA GLN A 255 20.70 -25.63 13.25
C GLN A 255 20.17 -25.00 14.58
N ARG A 256 20.90 -24.05 15.10
CA ARG A 256 20.43 -23.30 16.24
C ARG A 256 19.39 -22.23 15.92
N TYR A 257 19.27 -21.92 14.63
CA TYR A 257 18.38 -20.87 14.14
C TYR A 257 17.07 -21.49 13.59
N THR A 258 15.98 -20.90 14.01
CA THR A 258 14.66 -21.32 13.56
C THR A 258 13.87 -20.11 13.08
N CYS A 259 13.17 -20.27 11.98
CA CYS A 259 12.30 -19.28 11.44
C CYS A 259 10.86 -19.60 11.78
N HIS A 260 10.13 -18.57 12.17
CA HIS A 260 8.75 -18.71 12.69
C HIS A 260 7.83 -17.91 11.86
N VAL A 261 6.74 -18.52 11.37
CA VAL A 261 5.83 -17.89 10.45
C VAL A 261 4.39 -17.99 10.96
N GLN A 262 3.70 -16.85 11.01
CA GLN A 262 2.31 -16.79 11.35
C GLN A 262 1.55 -16.05 10.26
N HIS A 263 0.43 -16.63 9.85
CA HIS A 263 -0.40 -16.06 8.79
C HIS A 263 -1.78 -16.62 8.95
N GLU A 264 -2.82 -15.86 8.60
CA GLU A 264 -4.20 -16.32 8.73
C GLU A 264 -4.49 -17.55 7.95
N GLY A 265 -3.79 -17.85 6.85
CA GLY A 265 -4.03 -19.05 6.08
C GLY A 265 -3.38 -20.28 6.66
N LEU A 266 -2.60 -20.15 7.72
CA LEU A 266 -1.93 -21.26 8.40
C LEU A 266 -2.72 -21.60 9.66
N PRO A 267 -3.24 -22.79 9.83
CA PRO A 267 -3.95 -23.15 11.04
C PRO A 267 -3.08 -23.21 12.26
N LYS A 268 -1.79 -23.46 12.06
CA LYS A 268 -0.84 -23.37 13.16
C LYS A 268 0.42 -22.64 12.68
N PRO A 269 1.08 -21.90 13.55
CA PRO A 269 2.36 -21.31 13.13
C PRO A 269 3.37 -22.35 12.72
N LEU A 270 4.24 -22.00 11.77
CA LEU A 270 5.25 -22.87 11.27
C LEU A 270 6.57 -22.52 11.92
N THR A 271 7.40 -23.56 12.03
CA THR A 271 8.80 -23.45 12.38
C THR A 271 9.62 -24.09 11.28
N LEU A 272 10.63 -23.44 10.78
CA LEU A 272 11.47 -23.98 9.74
C LEU A 272 12.92 -23.80 10.06
N ARG A 273 13.75 -24.69 9.58
CA ARG A 273 15.21 -24.58 9.67
C ARG A 273 15.82 -24.74 8.31
N TRP A 274 17.05 -24.32 8.14
CA TRP A 274 17.84 -24.63 6.96
CA TRP A 274 17.76 -24.68 6.94
C TRP A 274 17.99 -26.14 6.86
N GLU A 275 17.72 -26.64 5.66
CA GLU A 275 17.85 -28.05 5.34
C GLU A 275 18.98 -28.17 4.25
N PRO A 276 20.17 -28.52 4.60
CA PRO A 276 21.26 -28.69 3.61
C PRO A 276 21.11 -29.93 2.74
N MET B 1 9.61 21.62 4.61
CA MET B 1 8.86 20.55 3.93
C MET B 1 9.51 19.24 4.29
N ILE B 2 8.78 18.30 4.91
CA ILE B 2 9.37 17.01 5.24
C ILE B 2 9.63 16.22 4.03
N GLN B 3 10.64 15.37 4.13
CA GLN B 3 10.93 14.47 3.05
C GLN B 3 11.30 13.10 3.67
N ARG B 4 10.87 12.07 3.00
CA ARG B 4 11.12 10.70 3.38
C ARG B 4 11.64 9.92 2.17
N THR B 5 12.81 9.31 2.27
CA THR B 5 13.45 8.69 1.11
C THR B 5 12.81 7.35 0.86
N PRO B 6 12.72 6.93 -0.41
CA PRO B 6 12.10 5.62 -0.67
C PRO B 6 12.91 4.44 -0.24
N LYS B 7 12.24 3.42 0.21
CA LYS B 7 12.74 2.08 0.30
C LYS B 7 12.54 1.50 -1.10
N ILE B 8 13.49 0.71 -1.57
CA ILE B 8 13.44 0.15 -2.93
C ILE B 8 13.71 -1.33 -2.87
N GLN B 9 12.85 -2.14 -3.46
CA GLN B 9 13.08 -3.57 -3.61
C GLN B 9 12.86 -3.94 -5.04
N VAL B 10 13.79 -4.71 -5.63
CA VAL B 10 13.68 -5.21 -7.00
C VAL B 10 13.69 -6.72 -6.92
N TYR B 11 12.73 -7.39 -7.54
CA TYR B 11 12.48 -8.82 -7.28
C TYR B 11 11.57 -9.38 -8.32
N SER B 12 11.46 -10.69 -8.38
CA SER B 12 10.56 -11.33 -9.33
C SER B 12 9.27 -11.82 -8.70
N ARG B 13 8.26 -11.99 -9.53
N ARG B 13 8.26 -11.93 -9.53
CA ARG B 13 6.98 -12.50 -9.07
CA ARG B 13 6.95 -12.39 -9.07
C ARG B 13 7.10 -13.97 -8.55
C ARG B 13 7.01 -13.82 -8.64
N HIS B 14 7.98 -14.75 -9.15
N HIS B 14 7.48 -14.65 -9.56
CA HIS B 14 8.22 -16.14 -8.80
CA HIS B 14 7.61 -16.08 -9.34
C HIS B 14 9.72 -16.35 -8.74
C HIS B 14 9.10 -16.36 -9.25
N PRO B 15 10.18 -17.35 -7.99
N PRO B 15 9.42 -17.51 -8.66
CA PRO B 15 11.63 -17.64 -7.95
CA PRO B 15 10.82 -17.94 -8.53
C PRO B 15 12.12 -17.81 -9.36
C PRO B 15 11.59 -17.91 -9.88
N ALA B 16 13.21 -17.25 -9.70
N ALA B 16 12.83 -17.36 -9.86
CA ALA B 16 13.65 -17.24 -11.06
CA ALA B 16 13.63 -17.24 -11.06
C ALA B 16 14.06 -18.61 -11.53
C ALA B 16 14.12 -18.59 -11.55
N GLU B 17 13.75 -18.87 -12.77
CA GLU B 17 14.22 -20.14 -13.42
C GLU B 17 14.69 -19.67 -14.81
N ASN B 18 15.96 -19.88 -15.12
CA ASN B 18 16.49 -19.41 -16.39
C ASN B 18 15.62 -19.98 -17.53
N GLY B 19 15.32 -19.09 -18.46
CA GLY B 19 14.52 -19.28 -19.64
C GLY B 19 13.05 -19.41 -19.48
N LYS B 20 12.53 -19.16 -18.28
CA LYS B 20 11.10 -19.17 -18.12
C LYS B 20 10.56 -17.77 -17.79
N SER B 21 9.48 -17.46 -18.48
CA SER B 21 8.88 -16.08 -18.41
C SER B 21 8.38 -15.81 -16.98
N ASN B 22 8.55 -14.55 -16.58
CA ASN B 22 8.30 -14.12 -15.17
C ASN B 22 7.94 -12.65 -15.25
N PHE B 23 7.88 -12.02 -14.07
CA PHE B 23 7.67 -10.59 -13.97
C PHE B 23 8.72 -10.02 -13.05
N LEU B 24 9.29 -8.89 -13.48
CA LEU B 24 10.29 -8.12 -12.76
C LEU B 24 9.55 -6.93 -12.17
N ASN B 25 9.68 -6.81 -10.84
CA ASN B 25 9.01 -5.80 -10.02
C ASN B 25 10.06 -4.89 -9.38
N CYS B 26 9.71 -3.62 -9.34
CA CYS B 26 10.42 -2.68 -8.48
C CYS B 26 9.36 -1.98 -7.62
N TYR B 27 9.43 -2.23 -6.31
CA TYR B 27 8.47 -1.68 -5.31
C TYR B 27 9.21 -0.58 -4.59
N VAL B 28 8.65 0.61 -4.66
CA VAL B 28 9.19 1.78 -3.96
C VAL B 28 8.14 2.16 -2.92
N SER B 29 8.58 2.38 -1.69
CA SER B 29 7.64 2.64 -0.58
C SER B 29 8.23 3.55 0.44
N GLY B 30 7.41 4.05 1.33
CA GLY B 30 7.87 4.84 2.43
C GLY B 30 8.31 6.25 2.10
N PHE B 31 7.91 6.79 0.97
CA PHE B 31 8.46 8.07 0.51
C PHE B 31 7.48 9.21 0.53
N HIS B 32 8.05 10.42 0.60
CA HIS B 32 7.32 11.65 0.53
C HIS B 32 8.36 12.74 0.09
N PRO B 33 8.01 13.63 -0.80
CA PRO B 33 6.78 13.72 -1.55
C PRO B 33 6.60 12.63 -2.57
N SER B 34 5.45 12.65 -3.22
CA SER B 34 5.05 11.56 -4.08
C SER B 34 5.74 11.53 -5.45
N ASP B 35 6.35 12.63 -5.84
CA ASP B 35 7.08 12.68 -7.12
C ASP B 35 8.23 11.73 -7.09
N ILE B 36 8.29 10.82 -8.09
CA ILE B 36 9.35 9.83 -8.11
C ILE B 36 9.49 9.36 -9.53
N GLU B 37 10.69 9.00 -9.94
CA GLU B 37 10.95 8.46 -11.24
C GLU B 37 11.62 7.07 -11.10
N VAL B 38 11.03 6.08 -11.78
CA VAL B 38 11.51 4.71 -11.68
C VAL B 38 11.68 4.15 -13.08
N ASP B 39 12.86 3.60 -13.34
CA ASP B 39 13.15 2.85 -14.55
C ASP B 39 13.54 1.43 -14.16
N LEU B 40 13.15 0.47 -14.99
CA LEU B 40 13.70 -0.88 -14.93
C LEU B 40 14.76 -0.98 -16.03
N LEU B 41 15.85 -1.60 -15.76
CA LEU B 41 17.00 -1.69 -16.68
C LEU B 41 17.29 -3.14 -16.97
N LYS B 42 17.69 -3.39 -18.23
CA LYS B 42 18.20 -4.66 -18.72
C LYS B 42 19.61 -4.38 -19.29
N ASN B 43 20.59 -4.98 -18.72
CA ASN B 43 22.01 -4.71 -19.11
C ASN B 43 22.28 -3.23 -19.17
N GLY B 44 21.76 -2.48 -18.18
CA GLY B 44 22.03 -1.06 -18.07
C GLY B 44 21.18 -0.13 -18.87
N GLU B 45 20.35 -0.68 -19.71
CA GLU B 45 19.50 0.12 -20.60
C GLU B 45 18.02 0.06 -20.20
N ARG B 46 17.33 1.17 -20.31
CA ARG B 46 15.95 1.26 -19.88
C ARG B 46 15.06 0.32 -20.67
N ILE B 47 14.22 -0.45 -19.98
CA ILE B 47 13.20 -1.26 -20.53
C ILE B 47 11.98 -0.36 -20.91
N GLU B 48 11.47 -0.52 -22.13
CA GLU B 48 10.36 0.27 -22.58
C GLU B 48 9.03 -0.31 -22.10
N LYS B 49 8.01 0.52 -22.04
CA LYS B 49 6.66 0.14 -21.80
C LYS B 49 6.41 -0.53 -20.42
N VAL B 50 7.22 -0.14 -19.45
CA VAL B 50 7.02 -0.63 -18.02
C VAL B 50 5.75 -0.01 -17.53
N GLU B 51 4.95 -0.80 -16.82
CA GLU B 51 3.68 -0.36 -16.24
C GLU B 51 3.86 -0.07 -14.74
N HIS B 52 2.92 0.62 -14.16
CA HIS B 52 2.99 0.90 -12.73
C HIS B 52 1.59 1.03 -12.17
N SER B 53 1.53 0.83 -10.86
CA SER B 53 0.30 0.96 -10.12
C SER B 53 -0.12 2.41 -9.98
N ASP B 54 -1.38 2.64 -9.57
CA ASP B 54 -1.88 3.97 -9.23
C ASP B 54 -1.40 4.34 -7.82
N LEU B 55 -1.03 5.58 -7.66
CA LEU B 55 -0.48 6.10 -6.41
C LEU B 55 -1.44 5.78 -5.27
N SER B 56 -0.84 5.22 -4.19
CA SER B 56 -1.56 4.95 -2.95
C SER B 56 -0.57 5.15 -1.83
N PHE B 57 -1.02 4.95 -0.59
CA PHE B 57 -0.21 5.25 0.54
C PHE B 57 -0.59 4.39 1.75
N SER B 58 0.30 4.37 2.71
CA SER B 58 0.23 3.54 3.91
C SER B 58 -0.41 4.29 5.07
N LYS B 59 -0.57 3.54 6.17
CA LYS B 59 -1.16 4.09 7.40
C LYS B 59 -0.45 5.33 7.86
N ASP B 60 0.87 5.42 7.68
CA ASP B 60 1.67 6.57 8.10
C ASP B 60 1.78 7.65 7.05
N TRP B 61 0.92 7.60 6.00
CA TRP B 61 0.80 8.56 4.90
C TRP B 61 1.88 8.43 3.85
N SER B 62 2.91 7.65 4.05
CA SER B 62 3.99 7.51 3.07
C SER B 62 3.44 6.73 1.84
N PHE B 63 4.00 7.14 0.68
CA PHE B 63 3.51 6.60 -0.60
C PHE B 63 4.20 5.33 -0.95
N TYR B 64 3.49 4.57 -1.82
CA TYR B 64 4.07 3.37 -2.46
C TYR B 64 3.60 3.22 -3.88
N LEU B 65 4.47 2.60 -4.70
CA LEU B 65 4.18 2.28 -6.12
C LEU B 65 4.90 0.99 -6.47
N LEU B 66 4.28 0.25 -7.35
CA LEU B 66 4.86 -0.92 -7.98
C LEU B 66 5.07 -0.66 -9.47
N TYR B 67 6.30 -0.79 -9.95
CA TYR B 67 6.61 -0.78 -11.38
C TYR B 67 6.96 -2.23 -11.80
N TYR B 68 6.49 -2.63 -12.97
CA TYR B 68 6.60 -4.04 -13.33
C TYR B 68 6.59 -4.23 -14.85
N THR B 69 7.26 -5.31 -15.25
CA THR B 69 7.32 -5.72 -16.66
C THR B 69 7.57 -7.21 -16.72
N GLU B 70 7.14 -7.82 -17.81
CA GLU B 70 7.48 -9.22 -18.08
C GLU B 70 8.94 -9.36 -18.39
N PHE B 71 9.56 -10.45 -17.95
CA PHE B 71 10.97 -10.70 -18.31
C PHE B 71 11.23 -12.18 -18.24
N THR B 72 12.27 -12.61 -18.96
CA THR B 72 12.67 -14.03 -18.95
C THR B 72 14.09 -14.04 -18.48
N PRO B 73 14.38 -14.35 -17.21
CA PRO B 73 15.73 -14.34 -16.69
C PRO B 73 16.63 -15.38 -17.39
N THR B 74 17.90 -15.02 -17.44
CA THR B 74 18.99 -15.93 -17.94
C THR B 74 20.14 -15.84 -17.00
N GLU B 75 21.16 -16.70 -17.31
CA GLU B 75 22.29 -16.64 -16.49
C GLU B 75 23.03 -15.32 -16.61
N LYS B 76 23.07 -14.80 -17.82
CA LYS B 76 23.93 -13.65 -18.12
C LYS B 76 23.32 -12.27 -18.06
N ASP B 77 22.05 -12.18 -18.25
CA ASP B 77 21.36 -10.86 -18.35
C ASP B 77 21.26 -10.26 -16.95
N GLU B 78 21.62 -8.99 -16.88
CA GLU B 78 21.56 -8.26 -15.62
C GLU B 78 20.38 -7.33 -15.63
N TYR B 79 19.63 -7.25 -14.54
CA TYR B 79 18.47 -6.38 -14.39
C TYR B 79 18.66 -5.52 -13.19
N ALA B 80 17.98 -4.37 -13.20
CA ALA B 80 18.09 -3.40 -12.09
C ALA B 80 16.93 -2.48 -12.06
N CYS B 81 16.76 -1.74 -11.01
CA CYS B 81 15.81 -0.64 -10.90
C CYS B 81 16.59 0.63 -10.56
N ARG B 82 16.22 1.71 -11.23
CA ARG B 82 16.85 3.02 -11.06
C ARG B 82 15.81 4.02 -10.61
N VAL B 83 16.06 4.64 -9.47
CA VAL B 83 15.07 5.52 -8.84
C VAL B 83 15.67 6.87 -8.61
N ASN B 84 14.85 7.89 -8.94
CA ASN B 84 15.18 9.28 -8.59
C ASN B 84 14.04 9.87 -7.79
N HIS B 85 14.41 10.67 -6.81
CA HIS B 85 13.53 11.30 -5.86
C HIS B 85 14.23 12.50 -5.28
N VAL B 86 13.52 13.47 -4.74
CA VAL B 86 14.19 14.68 -4.25
C VAL B 86 15.16 14.40 -3.17
N THR B 87 14.96 13.34 -2.37
CA THR B 87 15.86 12.97 -1.31
C THR B 87 17.18 12.39 -1.78
N LEU B 88 17.27 12.05 -3.05
CA LEU B 88 18.46 11.40 -3.62
C LEU B 88 19.26 12.38 -4.46
N SER B 89 20.55 12.55 -4.20
CA SER B 89 21.36 13.52 -4.97
C SER B 89 21.66 13.02 -6.37
N GLN B 90 21.68 11.71 -6.54
CA GLN B 90 21.88 11.05 -7.79
C GLN B 90 20.91 9.88 -7.89
N PRO B 91 20.62 9.39 -9.07
CA PRO B 91 19.74 8.19 -9.14
C PRO B 91 20.36 7.03 -8.36
N LYS B 92 19.50 6.25 -7.69
CA LYS B 92 19.90 5.08 -6.97
C LYS B 92 19.59 3.87 -7.82
N ILE B 93 20.61 3.05 -8.05
CA ILE B 93 20.45 1.81 -8.83
C ILE B 93 20.51 0.64 -7.87
N VAL B 94 19.45 -0.18 -7.84
CA VAL B 94 19.42 -1.42 -7.05
C VAL B 94 19.40 -2.54 -8.11
N LYS B 95 20.44 -3.42 -8.00
CA LYS B 95 20.53 -4.53 -8.92
C LYS B 95 19.60 -5.67 -8.50
N TRP B 96 19.00 -6.33 -9.48
CA TRP B 96 18.22 -7.54 -9.22
C TRP B 96 19.15 -8.66 -8.82
N ASP B 97 18.85 -9.30 -7.72
CA ASP B 97 19.58 -10.44 -7.21
C ASP B 97 18.50 -11.52 -6.99
N ARG B 98 18.59 -12.64 -7.69
CA ARG B 98 17.55 -13.64 -7.62
C ARG B 98 17.47 -14.26 -6.20
N ASP B 99 18.42 -14.02 -5.33
CA ASP B 99 18.38 -14.50 -3.99
C ASP B 99 17.78 -13.48 -2.98
N MET B 100 17.21 -12.41 -3.46
CA MET B 100 16.50 -11.43 -2.64
C MET B 100 15.19 -11.03 -3.23
N GLY C 1 -18.76 1.47 -1.88
CA GLY C 1 -19.34 2.74 -2.35
C GLY C 1 -18.94 3.91 -1.45
N ARG C 2 -18.71 5.05 -2.08
CA ARG C 2 -18.08 6.21 -1.43
C ARG C 2 -19.05 7.07 -0.63
N PHE C 3 -18.48 7.82 0.31
CA PHE C 3 -19.12 8.90 1.05
C PHE C 3 -19.39 10.01 0.01
N ALA C 4 -20.57 10.54 0.02
CA ALA C 4 -20.99 11.43 -1.10
C ALA C 4 -21.00 12.88 -0.81
N ALA C 5 -20.79 13.34 0.37
CA ALA C 5 -20.92 14.81 0.58
C ALA C 5 -19.59 15.48 0.31
N ALA C 6 -19.68 16.70 -0.22
CA ALA C 6 -18.48 17.51 -0.42
C ALA C 6 -18.24 18.31 0.84
N ILE C 7 -17.07 18.19 1.48
CA ILE C 7 -16.74 18.87 2.67
C ILE C 7 -15.43 19.70 2.53
N ALA C 8 -15.52 20.99 2.54
CA ALA C 8 -14.38 21.87 2.43
C ALA C 8 -13.64 22.10 3.71
N LYS C 9 -12.32 22.16 3.66
CA LYS C 9 -11.50 22.46 4.79
C LYS C 9 -11.39 23.97 5.17
C1 GOL D . -4.05 9.38 12.30
O1 GOL D . -2.86 9.30 11.45
C2 GOL D . -3.69 9.85 13.69
O2 GOL D . -2.81 8.95 14.31
C3 GOL D . -4.89 10.01 14.55
O3 GOL D . -4.62 10.55 15.85
C1 GOL E . -4.63 -1.66 2.99
O1 GOL E . -5.71 -0.77 3.38
C2 GOL E . -4.63 -1.95 1.51
O2 GOL E . -3.64 -2.96 1.20
C3 GOL E . -4.30 -0.66 0.84
O3 GOL E . -2.88 -0.26 1.09
#